data_4HMX
#
_entry.id   4HMX
#
_cell.length_a   93.650
_cell.length_b   93.650
_cell.length_c   51.410
_cell.angle_alpha   90.000
_cell.angle_beta   90.000
_cell.angle_gamma   120.000
#
_symmetry.space_group_name_H-M   'P 31'
#
loop_
_entity.id
_entity.type
_entity.pdbx_description
1 polymer "Pyridoxamine 5'-phosphate oxidase"
2 non-polymer 'FLAVIN MONONUCLEOTIDE'
3 non-polymer '(1R,10aS)-1,2,10,10a-tetrahydrophenazine-1-carboxylic acid'
4 water water
#
_entity_poly.entity_id   1
_entity_poly.type   'polypeptide(L)'
_entity_poly.pdbx_seq_one_letter_code
;GSHMNTSRFESLTGSVDVLFPEYDDPPSEPITLLKRWLATADVARVREPKALALATATSDGRISSRVIAFSSIDDRGVIF
CTHSTSRKGRELTETGWASGLLYWRETGQQIMISGQAVPLEESENDKLWFGRSVPMHAMSSASHQSDELVDREALRAHAA
ELLALGVALPRPPRFVGYRLEPHEMEFWAASSDRLHRRLRYERDGNDWKTTQLQP
;
_entity_poly.pdbx_strand_id   A,B
#
# COMPACT_ATOMS: atom_id res chain seq x y z
N GLY A 14 -10.34 20.15 -3.70
CA GLY A 14 -8.95 20.63 -3.76
C GLY A 14 -7.91 19.52 -3.86
N SER A 15 -8.26 18.46 -4.58
CA SER A 15 -7.43 17.27 -4.62
C SER A 15 -6.44 17.37 -5.79
N VAL A 16 -6.33 18.53 -6.42
CA VAL A 16 -5.36 18.69 -7.50
C VAL A 16 -4.61 20.02 -7.41
N ASP A 17 -3.40 20.06 -7.95
CA ASP A 17 -2.62 21.27 -8.01
C ASP A 17 -2.29 21.85 -6.63
N VAL A 18 -2.19 20.98 -5.61
CA VAL A 18 -1.70 21.40 -4.31
C VAL A 18 -0.39 22.21 -4.44
N LEU A 19 -0.16 23.18 -3.56
CA LEU A 19 1.11 23.93 -3.61
C LEU A 19 2.34 23.06 -3.28
N PHE A 20 3.40 23.21 -4.08
CA PHE A 20 4.55 22.30 -4.04
C PHE A 20 5.80 23.04 -4.52
N PRO A 21 6.19 24.11 -3.80
CA PRO A 21 7.38 24.84 -4.24
C PRO A 21 8.65 24.00 -4.17
N GLU A 22 8.65 23.01 -3.27
CA GLU A 22 9.82 22.18 -3.09
C GLU A 22 10.10 21.31 -4.31
N TYR A 23 9.12 21.18 -5.21
CA TYR A 23 9.34 20.40 -6.41
C TYR A 23 10.55 20.94 -7.19
N ASP A 24 10.65 22.25 -7.29
CA ASP A 24 11.77 22.90 -7.98
C ASP A 24 12.91 23.32 -7.07
N ASP A 25 12.69 23.25 -5.77
CA ASP A 25 13.70 23.68 -4.80
C ASP A 25 13.64 22.74 -3.58
N PRO A 26 14.18 21.54 -3.72
CA PRO A 26 14.01 20.48 -2.71
C PRO A 26 14.86 20.64 -1.45
N PRO A 27 14.26 20.40 -0.29
CA PRO A 27 15.07 20.44 0.94
C PRO A 27 16.19 19.40 0.86
N SER A 28 17.30 19.64 1.56
CA SER A 28 18.43 18.75 1.56
C SER A 28 18.08 17.35 2.02
N GLU A 29 17.20 17.23 3.01
CA GLU A 29 16.75 15.94 3.59
C GLU A 29 15.28 15.64 3.28
N PRO A 30 14.98 14.45 2.77
CA PRO A 30 13.61 14.16 2.40
C PRO A 30 12.69 14.10 3.64
N ILE A 31 13.22 13.76 4.83
CA ILE A 31 12.38 13.74 6.02
C ILE A 31 11.78 15.13 6.32
N THR A 32 12.56 16.19 6.00
CA THR A 32 12.08 17.54 6.15
C THR A 32 10.78 17.75 5.36
N LEU A 33 10.78 17.28 4.12
CA LEU A 33 9.61 17.46 3.27
C LEU A 33 8.46 16.55 3.72
N LEU A 34 8.79 15.36 4.19
CA LEU A 34 7.77 14.46 4.74
C LEU A 34 7.04 15.12 5.90
N LYS A 35 7.79 15.71 6.81
CA LYS A 35 7.14 16.37 7.97
C LYS A 35 6.32 17.58 7.51
N ARG A 36 6.82 18.32 6.52
CA ARG A 36 6.05 19.47 6.00
C ARG A 36 4.70 18.99 5.41
N TRP A 37 4.76 17.96 4.59
CA TRP A 37 3.53 17.47 4.01
C TRP A 37 2.54 16.93 5.05
N LEU A 38 3.03 16.23 6.03
CA LEU A 38 2.17 15.73 7.09
C LEU A 38 1.49 16.89 7.85
N ALA A 39 2.23 17.97 8.09
CA ALA A 39 1.64 19.12 8.78
C ALA A 39 0.57 19.77 7.92
N THR A 40 0.81 19.88 6.62
CA THR A 40 -0.23 20.41 5.74
CA THR A 40 -0.22 20.42 5.76
C THR A 40 -1.43 19.48 5.65
N ALA A 41 -1.21 18.16 5.71
CA ALA A 41 -2.32 17.20 5.66
C ALA A 41 -3.20 17.41 6.87
N ASP A 42 -2.57 17.74 7.99
CA ASP A 42 -3.37 18.00 9.16
C ASP A 42 -4.24 19.26 9.09
N VAL A 43 -3.69 20.31 8.55
CA VAL A 43 -4.45 21.52 8.27
C VAL A 43 -5.62 21.27 7.34
N ALA A 44 -5.41 20.42 6.32
CA ALA A 44 -6.42 20.08 5.36
C ALA A 44 -7.39 19.01 5.89
N ARG A 45 -7.25 18.60 7.15
CA ARG A 45 -8.16 17.59 7.74
C ARG A 45 -8.22 16.27 6.95
N VAL A 46 -7.06 15.85 6.45
CA VAL A 46 -6.95 14.56 5.79
C VAL A 46 -7.34 13.49 6.79
N ARG A 47 -8.16 12.52 6.34
CA ARG A 47 -8.57 11.44 7.19
C ARG A 47 -7.47 10.35 7.26
N GLU A 48 -7.07 9.99 8.49
CA GLU A 48 -6.00 9.03 8.73
C GLU A 48 -4.80 9.23 7.81
N PRO A 49 -4.14 10.36 7.92
CA PRO A 49 -2.98 10.62 7.04
C PRO A 49 -1.80 9.69 7.31
N LYS A 50 -1.73 9.11 8.51
CA LYS A 50 -0.58 8.26 8.87
C LYS A 50 -0.77 6.78 8.52
N ALA A 51 -1.87 6.43 7.81
CA ALA A 51 -2.12 5.05 7.50
C ALA A 51 -1.25 4.66 6.30
N LEU A 52 -0.21 3.94 6.60
CA LEU A 52 0.84 3.59 5.63
C LEU A 52 0.60 2.21 5.08
N ALA A 53 0.60 2.04 3.76
CA ALA A 53 0.53 0.69 3.21
C ALA A 53 1.95 0.19 3.23
N LEU A 54 2.22 -0.72 4.14
CA LEU A 54 3.57 -1.24 4.37
C LEU A 54 3.73 -2.61 3.72
N ALA A 55 4.63 -2.65 2.74
CA ALA A 55 4.97 -3.87 2.06
C ALA A 55 6.28 -4.41 2.58
N THR A 56 6.32 -5.74 2.69
CA THR A 56 7.51 -6.49 3.10
C THR A 56 7.63 -7.73 2.21
N ALA A 57 8.71 -8.46 2.33
CA ALA A 57 8.83 -9.69 1.54
C ALA A 57 9.59 -10.76 2.27
N THR A 58 9.20 -11.99 1.99
CA THR A 58 9.97 -13.13 2.42
C THR A 58 11.16 -13.35 1.49
N SER A 59 12.11 -14.19 1.94
CA SER A 59 13.34 -14.38 1.15
C SER A 59 13.06 -14.89 -0.29
N ASP A 60 12.06 -15.73 -0.48
CA ASP A 60 11.79 -16.29 -1.82
C ASP A 60 11.19 -15.29 -2.76
N GLY A 61 10.81 -14.10 -2.25
CA GLY A 61 10.41 -13.00 -3.10
C GLY A 61 8.96 -12.61 -3.01
N ARG A 62 8.13 -13.50 -2.50
CA ARG A 62 6.71 -13.15 -2.32
C ARG A 62 6.58 -11.91 -1.43
N ILE A 63 5.81 -10.96 -1.92
CA ILE A 63 5.55 -9.69 -1.21
C ILE A 63 4.20 -9.73 -0.53
N SER A 64 4.15 -9.14 0.67
CA SER A 64 2.89 -8.98 1.39
C SER A 64 2.75 -7.52 1.84
N SER A 65 1.53 -7.16 2.19
CA SER A 65 1.14 -5.78 2.45
CA SER A 65 1.22 -5.80 2.52
C SER A 65 0.09 -5.71 3.56
N ARG A 66 0.13 -4.65 4.32
CA ARG A 66 -0.92 -4.34 5.34
C ARG A 66 -0.81 -2.88 5.75
N VAL A 67 -1.89 -2.33 6.28
CA VAL A 67 -1.86 -0.97 6.81
C VAL A 67 -1.15 -0.94 8.17
N ILE A 68 -0.35 0.09 8.33
CA ILE A 68 0.32 0.37 9.61
C ILE A 68 0.13 1.86 9.87
N ALA A 69 -0.40 2.24 11.03
CA ALA A 69 -0.43 3.63 11.40
C ALA A 69 0.89 3.92 12.10
N PHE A 70 1.78 4.62 11.44
CA PHE A 70 3.10 4.85 12.04
C PHE A 70 2.99 5.71 13.27
N SER A 71 3.95 5.50 14.16
CA SER A 71 3.92 6.11 15.48
CA SER A 71 3.93 6.13 15.46
C SER A 71 4.52 7.54 15.45
N SER A 72 5.65 7.73 14.81
CA SER A 72 6.33 9.01 14.83
C SER A 72 7.42 8.98 13.72
N ILE A 73 8.04 10.14 13.52
CA ILE A 73 9.10 10.32 12.58
C ILE A 73 10.22 11.01 13.32
N ASP A 74 11.43 10.50 13.17
CA ASP A 74 12.61 11.21 13.69
C ASP A 74 13.55 11.50 12.51
N ASP A 75 14.69 12.14 12.76
CA ASP A 75 15.58 12.49 11.68
C ASP A 75 16.11 11.32 10.87
N ARG A 76 16.07 10.12 11.42
CA ARG A 76 16.57 8.94 10.72
C ARG A 76 15.48 8.09 10.04
N GLY A 77 14.21 8.35 10.29
CA GLY A 77 13.18 7.53 9.64
C GLY A 77 11.84 7.47 10.34
N VAL A 78 10.99 6.57 9.85
CA VAL A 78 9.63 6.46 10.33
C VAL A 78 9.51 5.31 11.30
N ILE A 79 9.01 5.59 12.49
CA ILE A 79 8.88 4.61 13.56
C ILE A 79 7.50 3.95 13.57
N PHE A 80 7.50 2.63 13.65
CA PHE A 80 6.26 1.89 13.84
C PHE A 80 6.47 0.67 14.75
N CYS A 81 5.35 0.13 15.22
CA CYS A 81 5.37 -1.02 16.08
CA CYS A 81 5.33 -1.01 16.11
C CYS A 81 4.51 -2.15 15.55
N THR A 82 4.87 -3.35 15.97
CA THR A 82 4.15 -4.54 15.57
C THR A 82 4.58 -5.74 16.45
N HIS A 83 4.04 -6.90 16.19
CA HIS A 83 4.52 -8.11 16.85
C HIS A 83 5.64 -8.76 16.03
N SER A 84 6.75 -9.12 16.69
CA SER A 84 7.88 -9.68 15.96
C SER A 84 7.56 -11.04 15.35
N THR A 85 6.58 -11.72 15.91
CA THR A 85 6.17 -13.06 15.50
C THR A 85 5.03 -13.04 14.46
N SER A 86 4.58 -11.82 14.12
CA SER A 86 3.60 -11.66 13.07
C SER A 86 4.24 -12.04 11.72
N ARG A 87 3.42 -12.13 10.68
CA ARG A 87 3.91 -12.43 9.36
C ARG A 87 4.88 -11.33 8.88
N LYS A 88 4.53 -10.05 9.05
CA LYS A 88 5.43 -8.96 8.66
C LYS A 88 6.72 -9.02 9.50
N GLY A 89 6.57 -9.37 10.77
CA GLY A 89 7.71 -9.40 11.69
C GLY A 89 8.74 -10.42 11.23
N ARG A 90 8.27 -11.59 10.82
CA ARG A 90 9.13 -12.63 10.32
CA ARG A 90 9.14 -12.63 10.33
C ARG A 90 9.84 -12.16 9.04
N GLU A 91 9.08 -11.51 8.17
CA GLU A 91 9.66 -11.01 6.88
C GLU A 91 10.69 -9.91 7.10
N LEU A 92 10.41 -9.03 8.06
CA LEU A 92 11.36 -7.98 8.39
C LEU A 92 12.66 -8.59 8.90
N THR A 93 12.52 -9.63 9.73
CA THR A 93 13.72 -10.30 10.27
C THR A 93 14.52 -10.98 9.15
N GLU A 94 13.78 -11.57 8.22
CA GLU A 94 14.40 -12.35 7.12
CA GLU A 94 14.39 -12.33 7.15
C GLU A 94 15.11 -11.46 6.12
N THR A 95 14.48 -10.36 5.70
CA THR A 95 15.03 -9.62 4.58
C THR A 95 15.30 -8.16 4.86
N GLY A 96 14.63 -7.60 5.87
CA GLY A 96 14.84 -6.21 6.23
C GLY A 96 14.15 -5.15 5.37
N TRP A 97 13.87 -5.46 4.13
CA TRP A 97 13.38 -4.49 3.18
C TRP A 97 11.92 -4.13 3.49
N ALA A 98 11.59 -2.86 3.34
CA ALA A 98 10.17 -2.45 3.45
C ALA A 98 9.89 -1.26 2.57
N SER A 99 8.62 -1.10 2.17
CA SER A 99 8.20 0.11 1.47
C SER A 99 6.87 0.50 2.01
N GLY A 100 6.82 1.75 2.43
CA GLY A 100 5.57 2.28 2.95
C GLY A 100 5.03 3.38 2.07
N LEU A 101 3.72 3.35 1.84
CA LEU A 101 3.07 4.29 0.94
C LEU A 101 1.94 5.02 1.64
N LEU A 102 2.04 6.35 1.67
CA LEU A 102 0.93 7.21 2.11
C LEU A 102 0.21 7.71 0.87
N TYR A 103 -1.13 7.80 0.98
CA TYR A 103 -1.94 8.37 -0.10
C TYR A 103 -3.08 9.15 0.53
N TRP A 104 -3.16 10.45 0.21
CA TRP A 104 -4.19 11.32 0.76
C TRP A 104 -5.13 11.75 -0.37
N ARG A 105 -6.27 11.08 -0.41
CA ARG A 105 -7.28 11.36 -1.43
C ARG A 105 -7.70 12.83 -1.48
N GLU A 106 -7.77 13.46 -0.30
CA GLU A 106 -8.27 14.82 -0.23
C GLU A 106 -7.36 15.82 -0.97
N THR A 107 -6.07 15.55 -0.99
CA THR A 107 -5.14 16.50 -1.57
C THR A 107 -4.39 15.99 -2.82
N GLY A 108 -4.65 14.76 -3.26
CA GLY A 108 -3.95 14.21 -4.42
C GLY A 108 -2.45 14.08 -4.19
N GLN A 109 -2.05 13.61 -3.01
CA GLN A 109 -0.64 13.44 -2.71
C GLN A 109 -0.33 12.02 -2.30
N GLN A 110 0.80 11.52 -2.78
CA GLN A 110 1.37 10.25 -2.31
C GLN A 110 2.76 10.49 -1.82
N ILE A 111 3.18 9.69 -0.84
CA ILE A 111 4.57 9.65 -0.43
C ILE A 111 5.00 8.20 -0.32
N MET A 112 6.04 7.86 -1.04
CA MET A 112 6.66 6.53 -0.94
C MET A 112 7.95 6.56 -0.14
N ILE A 113 8.05 5.72 0.90
CA ILE A 113 9.22 5.64 1.76
C ILE A 113 9.74 4.21 1.67
N SER A 114 10.92 4.00 1.03
CA SER A 114 11.46 2.65 0.89
C SER A 114 12.81 2.57 1.52
N GLY A 115 13.08 1.48 2.21
CA GLY A 115 14.40 1.34 2.82
C GLY A 115 14.43 0.11 3.69
N GLN A 116 15.32 0.10 4.69
CA GLN A 116 15.48 -1.04 5.60
C GLN A 116 14.74 -0.72 6.87
N ALA A 117 13.99 -1.68 7.37
CA ALA A 117 13.39 -1.53 8.67
C ALA A 117 14.35 -2.08 9.74
N VAL A 118 14.84 -1.19 10.58
CA VAL A 118 15.85 -1.50 11.57
C VAL A 118 15.19 -1.71 12.93
N PRO A 119 15.45 -2.85 13.58
CA PRO A 119 14.81 -2.99 14.90
C PRO A 119 15.27 -1.93 15.91
N LEU A 120 14.36 -1.42 16.72
CA LEU A 120 14.72 -0.49 17.75
C LEU A 120 15.30 -1.22 18.97
N GLU A 121 15.90 -0.43 19.85
CA GLU A 121 16.44 -0.95 21.08
C GLU A 121 15.31 -1.24 22.08
N GLU A 122 15.63 -2.00 23.12
CA GLU A 122 14.57 -2.39 24.07
C GLU A 122 13.99 -1.20 24.80
N SER A 123 14.79 -0.20 25.13
CA SER A 123 14.26 1.01 25.79
C SER A 123 13.28 1.75 24.91
N GLU A 124 13.58 1.75 23.61
CA GLU A 124 12.67 2.40 22.66
C GLU A 124 11.38 1.57 22.51
N ASN A 125 11.50 0.26 22.56
CA ASN A 125 10.35 -0.62 22.53
C ASN A 125 9.43 -0.37 23.72
N ASP A 126 10.02 -0.25 24.91
CA ASP A 126 9.27 0.08 26.10
C ASP A 126 8.53 1.39 25.93
N LYS A 127 9.22 2.40 25.45
CA LYS A 127 8.59 3.70 25.30
C LYS A 127 7.40 3.61 24.36
N LEU A 128 7.56 2.87 23.25
CA LEU A 128 6.47 2.72 22.32
C LEU A 128 5.26 2.02 22.97
N TRP A 129 5.51 0.94 23.73
CA TRP A 129 4.44 0.28 24.44
C TRP A 129 3.75 1.21 25.44
N PHE A 130 4.57 1.88 26.23
CA PHE A 130 4.07 2.78 27.27
C PHE A 130 3.19 3.88 26.73
N GLY A 131 3.40 4.25 25.48
CA GLY A 131 2.65 5.32 24.91
C GLY A 131 1.23 4.95 24.55
N ARG A 132 0.92 3.64 24.49
CA ARG A 132 -0.37 3.19 24.00
C ARG A 132 -1.41 3.06 25.14
N SER A 133 -2.66 2.86 24.75
CA SER A 133 -3.78 2.91 25.66
C SER A 133 -3.95 1.62 26.41
N VAL A 134 -4.72 1.66 27.50
CA VAL A 134 -5.05 0.49 28.26
C VAL A 134 -5.78 -0.61 27.43
N PRO A 135 -6.83 -0.29 26.65
CA PRO A 135 -7.50 -1.30 25.81
C PRO A 135 -6.57 -1.87 24.74
N MET A 136 -5.68 -1.02 24.21
CA MET A 136 -4.74 -1.53 23.22
C MET A 136 -3.85 -2.60 23.88
N HIS A 137 -3.34 -2.27 25.05
CA HIS A 137 -2.47 -3.21 25.72
C HIS A 137 -3.12 -4.57 25.94
N ALA A 138 -4.40 -4.57 26.33
CA ALA A 138 -5.05 -5.82 26.65
C ALA A 138 -5.14 -6.78 25.44
N MET A 139 -5.58 -6.25 24.29
CA MET A 139 -5.71 -7.11 23.15
C MET A 139 -4.32 -7.45 22.58
N SER A 140 -3.39 -6.50 22.57
CA SER A 140 -2.06 -6.75 22.06
CA SER A 140 -2.05 -6.76 22.07
C SER A 140 -1.34 -7.83 22.89
N SER A 141 -1.59 -7.88 24.19
CA SER A 141 -1.05 -8.92 25.09
CA SER A 141 -1.01 -8.94 25.00
C SER A 141 -1.73 -10.27 24.87
N ALA A 142 -3.02 -10.25 24.58
CA ALA A 142 -3.82 -11.50 24.50
C ALA A 142 -3.56 -12.21 23.14
N SER A 143 -3.41 -11.40 22.10
CA SER A 143 -3.33 -11.88 20.74
C SER A 143 -1.90 -12.12 20.26
N HIS A 144 -1.69 -13.25 19.63
CA HIS A 144 -0.45 -13.52 18.95
C HIS A 144 -0.64 -13.23 17.48
N GLN A 145 -0.34 -11.98 17.12
CA GLN A 145 -0.73 -11.45 15.85
C GLN A 145 -0.31 -12.33 14.66
N SER A 146 -1.31 -12.61 13.82
CA SER A 146 -1.16 -13.42 12.61
C SER A 146 -1.06 -14.92 12.77
N ASP A 147 -0.96 -15.40 14.02
CA ASP A 147 -1.07 -16.83 14.26
C ASP A 147 -2.54 -17.23 13.96
N GLU A 148 -2.77 -18.50 13.66
CA GLU A 148 -4.12 -18.96 13.45
C GLU A 148 -4.97 -18.69 14.69
N LEU A 149 -6.20 -18.22 14.47
CA LEU A 149 -7.20 -18.05 15.53
C LEU A 149 -7.96 -19.33 15.69
N VAL A 150 -7.80 -19.92 16.87
CA VAL A 150 -8.40 -21.20 17.17
C VAL A 150 -9.84 -20.99 17.72
N ASP A 151 -10.04 -19.96 18.53
CA ASP A 151 -11.30 -19.80 19.23
C ASP A 151 -11.48 -18.32 19.52
N ARG A 152 -12.38 -17.69 18.77
CA ARG A 152 -12.63 -16.26 18.84
C ARG A 152 -13.10 -15.83 20.23
N GLU A 153 -14.04 -16.59 20.76
CA GLU A 153 -14.63 -16.25 22.05
CA GLU A 153 -14.62 -16.29 22.05
C GLU A 153 -13.56 -16.32 23.13
N ALA A 154 -12.68 -17.31 23.03
CA ALA A 154 -11.64 -17.47 24.03
C ALA A 154 -10.66 -16.30 24.01
N LEU A 155 -10.35 -15.81 22.80
CA LEU A 155 -9.41 -14.70 22.74
C LEU A 155 -10.08 -13.43 23.26
N ARG A 156 -11.36 -13.23 22.91
CA ARG A 156 -12.09 -12.07 23.46
C ARG A 156 -12.07 -12.10 24.98
N ALA A 157 -12.38 -13.25 25.55
CA ALA A 157 -12.45 -13.35 27.01
C ALA A 157 -11.09 -13.10 27.65
N HIS A 158 -10.04 -13.61 27.04
CA HIS A 158 -8.70 -13.39 27.55
C HIS A 158 -8.29 -11.90 27.53
N ALA A 159 -8.60 -11.21 26.45
CA ALA A 159 -8.30 -9.78 26.39
C ALA A 159 -9.08 -9.07 27.52
N ALA A 160 -10.34 -9.43 27.69
CA ALA A 160 -11.15 -8.75 28.72
C ALA A 160 -10.62 -9.01 30.12
N GLU A 161 -10.15 -10.25 30.35
CA GLU A 161 -9.55 -10.59 31.63
C GLU A 161 -8.31 -9.76 31.88
N LEU A 162 -7.47 -9.58 30.86
CA LEU A 162 -6.25 -8.78 31.00
C LEU A 162 -6.61 -7.37 31.29
N LEU A 163 -7.61 -6.85 30.60
CA LEU A 163 -8.05 -5.49 30.81
C LEU A 163 -8.51 -5.37 32.28
N ALA A 164 -9.24 -6.36 32.75
CA ALA A 164 -9.80 -6.29 34.10
C ALA A 164 -8.72 -6.31 35.18
N LEU A 165 -7.49 -6.70 34.87
CA LEU A 165 -6.49 -6.67 35.95
C LEU A 165 -6.49 -5.25 36.52
N GLY A 166 -6.80 -4.27 35.66
CA GLY A 166 -6.92 -2.90 36.10
C GLY A 166 -5.59 -2.25 36.47
N VAL A 167 -4.50 -2.84 35.96
CA VAL A 167 -3.20 -2.21 36.10
C VAL A 167 -2.52 -2.25 34.76
N ALA A 168 -1.42 -1.48 34.73
CA ALA A 168 -0.55 -1.32 33.59
C ALA A 168 0.10 -2.65 33.22
N LEU A 169 -0.15 -3.10 32.02
CA LEU A 169 0.39 -4.38 31.60
C LEU A 169 1.81 -4.22 31.06
N PRO A 170 2.70 -5.16 31.36
CA PRO A 170 4.06 -5.04 30.83
C PRO A 170 4.13 -5.31 29.36
N ARG A 171 5.23 -4.86 28.77
CA ARG A 171 5.44 -5.07 27.34
C ARG A 171 5.68 -6.56 27.02
N PRO A 172 4.82 -7.17 26.18
CA PRO A 172 5.16 -8.52 25.74
C PRO A 172 6.45 -8.52 24.98
N PRO A 173 7.28 -9.57 25.14
CA PRO A 173 8.54 -9.57 24.37
C PRO A 173 8.40 -9.45 22.86
N ARG A 174 7.31 -9.98 22.33
CA ARG A 174 7.07 -9.90 20.88
C ARG A 174 6.64 -8.49 20.42
N PHE A 175 6.24 -7.61 21.34
CA PHE A 175 5.87 -6.25 20.91
C PHE A 175 7.14 -5.40 20.70
N VAL A 176 7.41 -5.01 19.46
CA VAL A 176 8.65 -4.35 19.09
C VAL A 176 8.41 -3.21 18.15
N GLY A 177 9.38 -2.29 18.11
CA GLY A 177 9.36 -1.24 17.12
C GLY A 177 10.48 -1.39 16.11
N TYR A 178 10.27 -0.73 14.96
CA TYR A 178 11.21 -0.63 13.91
C TYR A 178 11.28 0.82 13.46
N ARG A 179 12.45 1.18 12.91
CA ARG A 179 12.64 2.44 12.23
C ARG A 179 12.83 2.14 10.77
N LEU A 180 11.93 2.65 9.95
CA LEU A 180 12.10 2.53 8.51
C LEU A 180 13.03 3.65 8.04
N GLU A 181 14.27 3.28 7.75
CA GLU A 181 15.34 4.21 7.33
C GLU A 181 15.29 4.30 5.83
N PRO A 182 14.98 5.49 5.31
CA PRO A 182 14.75 5.60 3.86
C PRO A 182 16.06 5.49 3.08
N HIS A 183 16.00 4.69 2.03
CA HIS A 183 17.01 4.64 0.99
C HIS A 183 16.53 5.46 -0.21
N GLU A 184 15.21 5.49 -0.37
CA GLU A 184 14.61 6.32 -1.42
C GLU A 184 13.25 6.79 -0.95
N MET A 185 12.89 7.99 -1.41
CA MET A 185 11.53 8.52 -1.12
C MET A 185 11.02 9.23 -2.32
N GLU A 186 9.72 9.07 -2.58
CA GLU A 186 9.10 9.82 -3.69
C GLU A 186 7.93 10.61 -3.17
N PHE A 187 7.84 11.84 -3.66
CA PHE A 187 6.72 12.71 -3.40
C PHE A 187 5.96 12.97 -4.72
N TRP A 188 4.65 12.71 -4.72
CA TRP A 188 3.81 12.79 -5.91
C TRP A 188 2.63 13.72 -5.56
N ALA A 189 2.39 14.69 -6.42
CA ALA A 189 1.25 15.59 -6.26
C ALA A 189 0.51 15.73 -7.59
N ALA A 190 -0.78 15.43 -7.57
CA ALA A 190 -1.60 15.40 -8.78
C ALA A 190 -1.68 16.79 -9.39
N SER A 191 -1.77 16.84 -10.71
CA SER A 191 -1.89 18.06 -11.50
CA SER A 191 -1.87 18.07 -11.48
C SER A 191 -3.09 17.92 -12.38
N SER A 192 -3.89 18.98 -12.49
CA SER A 192 -5.10 18.93 -13.31
C SER A 192 -4.81 18.74 -14.80
N ASP A 193 -3.60 19.07 -15.23
CA ASP A 193 -3.18 18.88 -16.65
C ASP A 193 -2.50 17.53 -16.90
N ARG A 194 -2.56 16.69 -15.87
CA ARG A 194 -2.02 15.32 -15.93
C ARG A 194 -0.50 15.21 -15.86
N LEU A 195 0.20 16.34 -15.87
CA LEU A 195 1.66 16.32 -15.70
C LEU A 195 1.96 16.43 -14.18
N HIS A 196 1.69 15.31 -13.53
CA HIS A 196 1.86 15.22 -12.09
C HIS A 196 3.27 15.57 -11.68
N ARG A 197 3.42 16.16 -10.49
CA ARG A 197 4.70 16.58 -9.97
C ARG A 197 5.25 15.42 -9.15
N ARG A 198 6.41 14.93 -9.57
CA ARG A 198 7.08 13.79 -8.96
C ARG A 198 8.51 14.19 -8.60
N LEU A 199 8.84 14.07 -7.32
CA LEU A 199 10.16 14.40 -6.80
C LEU A 199 10.71 13.15 -6.13
N ARG A 200 11.83 12.63 -6.64
CA ARG A 200 12.45 11.42 -6.09
C ARG A 200 13.77 11.80 -5.40
N TYR A 201 13.93 11.30 -4.19
CA TYR A 201 15.19 11.35 -3.49
C TYR A 201 15.78 9.94 -3.45
N GLU A 202 17.06 9.79 -3.77
CA GLU A 202 17.73 8.52 -3.54
C GLU A 202 19.07 8.74 -2.88
N ARG A 203 19.47 7.75 -2.13
CA ARG A 203 20.83 7.74 -1.59
C ARG A 203 21.79 7.32 -2.65
N ASP A 204 22.75 8.18 -2.96
CA ASP A 204 23.84 7.89 -3.91
C ASP A 204 25.11 8.00 -3.09
N GLY A 205 25.65 6.84 -2.73
CA GLY A 205 26.66 6.79 -1.71
C GLY A 205 26.13 7.54 -0.49
N ASN A 206 26.88 8.60 -0.14
CA ASN A 206 26.85 9.24 1.16
C ASN A 206 25.65 10.08 1.40
N ASP A 207 25.16 10.80 0.35
CA ASP A 207 24.08 11.78 0.53
C ASP A 207 22.91 11.58 -0.45
N TRP A 208 22.10 12.63 -0.65
CA TRP A 208 20.87 12.50 -1.44
C TRP A 208 20.95 13.15 -2.80
N LYS A 209 20.48 12.41 -3.78
CA LYS A 209 20.32 12.86 -5.14
C LYS A 209 18.82 13.02 -5.39
N THR A 210 18.44 14.18 -5.89
CA THR A 210 17.07 14.40 -6.26
C THR A 210 16.90 14.48 -7.74
N THR A 211 15.76 13.99 -8.22
CA THR A 211 15.35 14.12 -9.62
C THR A 211 13.86 14.32 -9.72
N GLN A 212 13.42 15.00 -10.77
CA GLN A 212 12.02 15.07 -11.09
C GLN A 212 11.73 13.95 -12.09
N LEU A 213 10.58 13.30 -11.97
CA LEU A 213 10.22 12.18 -12.81
C LEU A 213 9.02 12.46 -13.72
N GLN A 214 9.03 11.82 -14.88
CA GLN A 214 7.89 11.91 -15.80
C GLN A 214 6.70 11.14 -15.24
N PRO A 215 5.48 11.64 -15.49
CA PRO A 215 4.30 11.07 -14.81
C PRO A 215 3.81 9.79 -15.44
N THR B 13 -22.33 4.75 6.87
CA THR B 13 -22.12 3.87 8.02
C THR B 13 -20.84 4.11 8.86
N GLY B 14 -20.55 3.16 9.76
CA GLY B 14 -19.42 3.23 10.70
C GLY B 14 -18.18 2.47 10.24
N SER B 15 -17.03 2.78 10.84
CA SER B 15 -15.79 2.20 10.36
C SER B 15 -15.36 0.99 11.21
N VAL B 16 -16.27 0.53 12.09
CA VAL B 16 -16.00 -0.70 12.84
C VAL B 16 -17.28 -1.51 12.72
N ASP B 17 -17.12 -2.81 12.89
CA ASP B 17 -18.24 -3.72 12.94
C ASP B 17 -19.09 -3.81 11.62
N VAL B 18 -18.45 -3.62 10.45
CA VAL B 18 -19.06 -4.01 9.15
C VAL B 18 -19.53 -5.50 9.21
N LEU B 19 -20.65 -5.84 8.57
CA LEU B 19 -21.04 -7.23 8.52
C LEU B 19 -20.04 -7.95 7.66
N PHE B 20 -19.81 -9.16 8.01
CA PHE B 20 -18.83 -9.98 7.26
C PHE B 20 -19.23 -11.42 7.53
N PRO B 21 -20.37 -11.81 6.99
CA PRO B 21 -20.78 -13.18 7.30
C PRO B 21 -19.87 -14.27 6.73
N GLU B 22 -19.14 -13.93 5.66
CA GLU B 22 -18.23 -14.86 5.03
C GLU B 22 -17.02 -15.25 5.91
N TYR B 23 -16.76 -14.50 6.97
CA TYR B 23 -15.68 -14.82 7.88
C TYR B 23 -15.85 -16.22 8.39
N ASP B 24 -17.08 -16.59 8.70
CA ASP B 24 -17.31 -17.91 9.21
C ASP B 24 -17.74 -18.89 8.15
N ASP B 25 -18.02 -18.44 6.94
CA ASP B 25 -18.38 -19.37 5.88
C ASP B 25 -17.89 -18.85 4.53
N PRO B 26 -16.60 -19.05 4.23
CA PRO B 26 -15.98 -18.34 3.10
C PRO B 26 -16.38 -18.92 1.75
N PRO B 27 -16.60 -18.07 0.76
CA PRO B 27 -16.78 -18.60 -0.60
C PRO B 27 -15.57 -19.44 -1.04
N SER B 28 -15.75 -20.36 -1.96
CA SER B 28 -14.66 -21.24 -2.36
CA SER B 28 -14.66 -21.24 -2.34
C SER B 28 -13.52 -20.47 -3.00
N GLU B 29 -13.85 -19.40 -3.70
CA GLU B 29 -12.86 -18.60 -4.46
C GLU B 29 -12.77 -17.19 -3.86
N PRO B 30 -11.58 -16.67 -3.58
CA PRO B 30 -11.53 -15.32 -3.00
C PRO B 30 -11.96 -14.16 -3.90
N ILE B 31 -11.84 -14.32 -5.20
CA ILE B 31 -12.26 -13.25 -6.08
CA ILE B 31 -12.27 -13.25 -6.09
C ILE B 31 -13.75 -12.94 -5.94
N THR B 32 -14.53 -13.99 -5.64
CA THR B 32 -15.95 -13.81 -5.35
C THR B 32 -16.13 -12.80 -4.21
N LEU B 33 -15.36 -12.97 -3.14
CA LEU B 33 -15.47 -12.12 -1.96
C LEU B 33 -14.94 -10.71 -2.22
N LEU B 34 -13.85 -10.65 -2.97
CA LEU B 34 -13.35 -9.38 -3.40
C LEU B 34 -14.40 -8.52 -4.13
N LYS B 35 -15.08 -9.13 -5.10
CA LYS B 35 -16.09 -8.39 -5.85
C LYS B 35 -17.23 -7.98 -4.94
N ARG B 36 -17.58 -8.85 -3.98
CA ARG B 36 -18.68 -8.51 -3.04
C ARG B 36 -18.28 -7.27 -2.21
N TRP B 37 -17.07 -7.30 -1.68
CA TRP B 37 -16.58 -6.23 -0.84
C TRP B 37 -16.52 -4.94 -1.63
N LEU B 38 -16.06 -5.02 -2.88
CA LEU B 38 -16.03 -3.82 -3.72
C LEU B 38 -17.41 -3.23 -4.02
N ALA B 39 -18.37 -4.12 -4.24
CA ALA B 39 -19.71 -3.66 -4.46
C ALA B 39 -20.30 -3.01 -3.22
N THR B 40 -20.05 -3.60 -2.05
CA THR B 40 -20.50 -2.98 -0.80
C THR B 40 -19.81 -1.63 -0.55
N ALA B 41 -18.52 -1.52 -0.90
CA ALA B 41 -17.81 -0.28 -0.75
C ALA B 41 -18.51 0.84 -1.54
N ASP B 42 -19.04 0.50 -2.72
CA ASP B 42 -19.74 1.50 -3.48
C ASP B 42 -21.05 1.93 -2.75
N VAL B 43 -21.75 0.95 -2.19
CA VAL B 43 -22.95 1.30 -1.43
C VAL B 43 -22.64 2.20 -0.23
N ALA B 44 -21.51 1.92 0.41
CA ALA B 44 -21.07 2.64 1.57
C ALA B 44 -20.44 3.99 1.20
N ARG B 45 -20.36 4.29 -0.10
CA ARG B 45 -19.81 5.56 -0.57
C ARG B 45 -18.33 5.78 -0.19
N VAL B 46 -17.58 4.71 -0.26
CA VAL B 46 -16.15 4.77 0.01
C VAL B 46 -15.50 5.67 -1.05
N ARG B 47 -14.64 6.59 -0.63
CA ARG B 47 -13.93 7.41 -1.56
C ARG B 47 -12.75 6.66 -2.22
N GLU B 48 -12.73 6.64 -3.56
CA GLU B 48 -11.65 5.97 -4.34
C GLU B 48 -11.36 4.55 -3.80
N PRO B 49 -12.37 3.68 -3.85
CA PRO B 49 -12.17 2.32 -3.35
C PRO B 49 -11.15 1.52 -4.17
N LYS B 50 -10.92 1.93 -5.43
CA LYS B 50 -10.04 1.15 -6.29
C LYS B 50 -8.60 1.55 -6.24
N ALA B 51 -8.28 2.48 -5.37
CA ALA B 51 -6.90 2.89 -5.20
C ALA B 51 -6.04 1.83 -4.46
N LEU B 52 -5.27 1.10 -5.26
CA LEU B 52 -4.52 -0.06 -4.82
C LEU B 52 -3.06 0.32 -4.57
N ALA B 53 -2.54 0.09 -3.36
CA ALA B 53 -1.11 0.32 -3.12
C ALA B 53 -0.39 -0.91 -3.64
N LEU B 54 0.25 -0.76 -4.80
CA LEU B 54 0.87 -1.89 -5.47
C LEU B 54 2.40 -1.84 -5.18
N ALA B 55 2.86 -2.93 -4.61
CA ALA B 55 4.28 -3.17 -4.28
C ALA B 55 4.90 -4.23 -5.22
N THR B 56 6.12 -3.88 -5.62
CA THR B 56 6.91 -4.69 -6.50
C THR B 56 8.34 -4.67 -5.98
N ALA B 57 9.20 -5.53 -6.51
CA ALA B 57 10.60 -5.48 -6.02
C ALA B 57 11.60 -5.73 -7.12
N THR B 58 12.79 -5.18 -6.92
CA THR B 58 13.87 -5.40 -7.86
C THR B 58 14.63 -6.66 -7.46
N SER B 59 15.58 -7.05 -8.31
CA SER B 59 16.27 -8.32 -8.13
C SER B 59 16.95 -8.49 -6.79
N ASP B 60 17.49 -7.41 -6.20
CA ASP B 60 18.12 -7.49 -4.88
C ASP B 60 17.14 -7.49 -3.68
N GLY B 61 15.84 -7.47 -3.97
CA GLY B 61 14.84 -7.60 -2.95
C GLY B 61 14.31 -6.25 -2.52
N ARG B 62 14.85 -5.15 -3.05
CA ARG B 62 14.36 -3.83 -2.60
C ARG B 62 12.95 -3.59 -3.15
N ILE B 63 12.05 -3.14 -2.28
CA ILE B 63 10.62 -3.03 -2.59
C ILE B 63 10.29 -1.56 -2.88
N SER B 64 9.42 -1.34 -3.90
CA SER B 64 8.91 -0.02 -4.18
C SER B 64 7.38 -0.12 -4.23
N SER B 65 6.70 1.00 -4.08
CA SER B 65 5.25 0.97 -4.06
CA SER B 65 5.24 1.00 -4.03
C SER B 65 4.69 2.28 -4.61
N ARG B 66 3.44 2.22 -5.09
CA ARG B 66 2.74 3.37 -5.63
C ARG B 66 1.27 3.01 -5.75
N VAL B 67 0.43 4.02 -5.87
CA VAL B 67 -0.98 3.78 -6.05
C VAL B 67 -1.24 3.51 -7.54
N ILE B 68 -2.09 2.51 -7.77
CA ILE B 68 -2.67 2.19 -9.06
C ILE B 68 -4.18 2.13 -8.88
N ALA B 69 -4.94 2.75 -9.78
CA ALA B 69 -6.37 2.54 -9.77
C ALA B 69 -6.69 1.46 -10.79
N PHE B 70 -7.11 0.30 -10.32
CA PHE B 70 -7.26 -0.83 -11.23
C PHE B 70 -8.46 -0.61 -12.10
N SER B 71 -8.45 -1.30 -13.24
CA SER B 71 -9.43 -1.10 -14.30
CA SER B 71 -9.42 -1.10 -14.28
C SER B 71 -10.67 -1.96 -14.07
N SER B 72 -10.44 -3.23 -13.79
CA SER B 72 -11.50 -4.20 -13.64
C SER B 72 -10.98 -5.44 -12.94
N ILE B 73 -11.91 -6.35 -12.61
CA ILE B 73 -11.57 -7.62 -11.99
C ILE B 73 -12.28 -8.66 -12.81
N ASP B 74 -11.53 -9.65 -13.30
CA ASP B 74 -12.17 -10.77 -13.98
C ASP B 74 -12.15 -11.99 -13.10
N ASP B 75 -12.36 -13.17 -13.64
CA ASP B 75 -12.41 -14.36 -12.80
C ASP B 75 -11.06 -14.81 -12.30
N ARG B 76 -10.00 -14.23 -12.82
CA ARG B 76 -8.67 -14.71 -12.50
C ARG B 76 -7.83 -13.67 -11.73
N GLY B 77 -8.21 -12.39 -11.75
CA GLY B 77 -7.42 -11.40 -11.02
C GLY B 77 -7.78 -9.97 -11.36
N VAL B 78 -6.92 -9.07 -10.89
CA VAL B 78 -7.14 -7.65 -10.93
C VAL B 78 -6.34 -7.06 -12.10
N ILE B 79 -7.08 -6.43 -13.04
CA ILE B 79 -6.49 -5.84 -14.23
CA ILE B 79 -6.49 -5.84 -14.23
C ILE B 79 -6.11 -4.39 -14.01
N PHE B 80 -4.91 -4.02 -14.42
CA PHE B 80 -4.48 -2.63 -14.39
C PHE B 80 -3.57 -2.35 -15.56
N CYS B 81 -3.43 -1.06 -15.87
CA CYS B 81 -2.56 -0.58 -16.92
CA CYS B 81 -2.52 -0.66 -16.91
C CYS B 81 -1.42 0.26 -16.39
N THR B 82 -0.27 0.23 -17.08
CA THR B 82 0.83 1.06 -16.69
C THR B 82 1.83 1.11 -17.86
N HIS B 83 2.93 1.80 -17.68
CA HIS B 83 4.01 1.77 -18.68
C HIS B 83 4.99 0.63 -18.32
N SER B 84 5.29 -0.24 -19.27
CA SER B 84 6.13 -1.41 -19.00
C SER B 84 7.56 -0.97 -18.70
N THR B 85 7.89 0.25 -19.11
CA THR B 85 9.22 0.84 -18.86
C THR B 85 9.33 1.67 -17.59
N SER B 86 8.21 1.81 -16.88
CA SER B 86 8.27 2.46 -15.58
C SER B 86 9.04 1.60 -14.58
N ARG B 87 9.22 2.12 -13.38
CA ARG B 87 9.90 1.36 -12.36
C ARG B 87 9.12 0.09 -12.02
N LYS B 88 7.81 0.20 -11.85
CA LYS B 88 7.03 -1.00 -11.51
C LYS B 88 7.10 -2.03 -12.66
N GLY B 89 7.11 -1.53 -13.88
CA GLY B 89 7.09 -2.39 -15.06
C GLY B 89 8.39 -3.16 -15.14
N ARG B 90 9.49 -2.47 -14.91
CA ARG B 90 10.80 -3.13 -14.92
CA ARG B 90 10.79 -3.14 -14.93
C ARG B 90 10.88 -4.15 -13.79
N GLU B 91 10.38 -3.78 -12.60
CA GLU B 91 10.44 -4.73 -11.45
C GLU B 91 9.57 -5.97 -11.67
N LEU B 92 8.38 -5.76 -12.23
CA LEU B 92 7.54 -6.88 -12.54
C LEU B 92 8.24 -7.84 -13.50
N THR B 93 8.94 -7.31 -14.50
CA THR B 93 9.65 -8.17 -15.47
C THR B 93 10.73 -8.94 -14.75
N GLU B 94 11.45 -8.25 -13.87
CA GLU B 94 12.55 -8.85 -13.14
C GLU B 94 12.11 -9.96 -12.23
N THR B 95 11.06 -9.72 -11.42
CA THR B 95 10.83 -10.62 -10.31
C THR B 95 9.45 -11.23 -10.26
N GLY B 96 8.52 -10.66 -11.02
CA GLY B 96 7.17 -11.20 -11.14
C GLY B 96 6.20 -11.00 -9.97
N TRP B 97 6.68 -11.28 -8.77
CA TRP B 97 5.82 -11.16 -7.61
C TRP B 97 5.33 -9.72 -7.37
N ALA B 98 4.09 -9.56 -6.91
CA ALA B 98 3.55 -8.25 -6.56
C ALA B 98 2.52 -8.43 -5.45
N SER B 99 2.28 -7.33 -4.74
CA SER B 99 1.22 -7.33 -3.76
C SER B 99 0.48 -6.03 -3.86
N GLY B 100 -0.83 -6.11 -3.78
CA GLY B 100 -1.67 -4.92 -3.79
C GLY B 100 -2.51 -4.84 -2.55
N LEU B 101 -2.65 -3.63 -2.01
CA LEU B 101 -3.44 -3.43 -0.82
C LEU B 101 -4.52 -2.39 -1.03
N LEU B 102 -5.76 -2.78 -0.74
CA LEU B 102 -6.88 -1.82 -0.67
C LEU B 102 -7.17 -1.51 0.79
N TYR B 103 -7.48 -0.24 1.09
CA TYR B 103 -7.85 0.12 2.43
C TYR B 103 -8.94 1.17 2.36
N TRP B 104 -10.08 0.86 2.99
CA TRP B 104 -11.23 1.75 2.98
C TRP B 104 -11.46 2.28 4.38
N ARG B 105 -11.08 3.54 4.62
CA ARG B 105 -11.24 4.17 5.93
C ARG B 105 -12.69 4.12 6.41
N GLU B 106 -13.62 4.28 5.49
CA GLU B 106 -15.02 4.49 5.90
C GLU B 106 -15.64 3.24 6.53
N THR B 107 -15.18 2.08 6.10
CA THR B 107 -15.68 0.79 6.55
C THR B 107 -14.73 -0.03 7.41
N GLY B 108 -13.50 0.48 7.62
CA GLY B 108 -12.54 -0.27 8.38
C GLY B 108 -12.20 -1.60 7.72
N GLN B 109 -11.98 -1.59 6.40
CA GLN B 109 -11.65 -2.83 5.68
C GLN B 109 -10.35 -2.69 4.88
N GLN B 110 -9.55 -3.75 4.92
CA GLN B 110 -8.43 -3.85 4.03
C GLN B 110 -8.51 -5.21 3.28
N ILE B 111 -7.95 -5.22 2.08
CA ILE B 111 -7.80 -6.45 1.31
C ILE B 111 -6.37 -6.44 0.76
N MET B 112 -5.67 -7.52 1.08
CA MET B 112 -4.32 -7.78 0.54
CA MET B 112 -4.35 -7.73 0.52
C MET B 112 -4.42 -8.79 -0.56
N ILE B 113 -3.79 -8.49 -1.69
CA ILE B 113 -3.79 -9.41 -2.87
C ILE B 113 -2.35 -9.61 -3.25
N SER B 114 -1.84 -10.82 -2.99
CA SER B 114 -0.47 -11.11 -3.35
CA SER B 114 -0.44 -11.17 -3.27
C SER B 114 -0.43 -12.17 -4.40
N GLY B 115 0.34 -11.90 -5.44
CA GLY B 115 0.34 -12.78 -6.58
C GLY B 115 1.43 -12.44 -7.55
N GLN B 116 1.20 -12.80 -8.81
CA GLN B 116 2.10 -12.46 -9.90
C GLN B 116 1.32 -11.61 -10.86
N ALA B 117 2.00 -10.66 -11.48
CA ALA B 117 1.37 -9.84 -12.49
C ALA B 117 1.65 -10.43 -13.88
N VAL B 118 0.60 -10.91 -14.54
CA VAL B 118 0.68 -11.61 -15.83
C VAL B 118 0.38 -10.61 -16.92
N PRO B 119 1.31 -10.45 -17.87
CA PRO B 119 1.02 -9.46 -18.92
C PRO B 119 -0.20 -9.88 -19.73
N LEU B 120 -1.05 -8.95 -20.08
CA LEU B 120 -2.16 -9.24 -21.00
C LEU B 120 -1.68 -9.39 -22.44
N GLU B 121 -2.57 -9.92 -23.26
CA GLU B 121 -2.36 -10.06 -24.71
C GLU B 121 -2.41 -8.69 -25.40
N GLU B 122 -1.84 -8.58 -26.60
CA GLU B 122 -1.77 -7.29 -27.27
C GLU B 122 -3.17 -6.82 -27.60
N SER B 123 -4.06 -7.74 -27.93
CA SER B 123 -5.44 -7.36 -28.26
C SER B 123 -6.17 -6.79 -27.05
N GLU B 124 -5.87 -7.31 -25.87
CA GLU B 124 -6.40 -6.75 -24.63
C GLU B 124 -5.78 -5.39 -24.36
N ASN B 125 -4.48 -5.28 -24.58
CA ASN B 125 -3.85 -3.97 -24.42
C ASN B 125 -4.49 -2.90 -25.33
N ASP B 126 -4.78 -3.27 -26.56
CA ASP B 126 -5.42 -2.33 -27.48
C ASP B 126 -6.78 -1.89 -26.96
N LYS B 127 -7.59 -2.86 -26.51
CA LYS B 127 -8.91 -2.55 -26.00
C LYS B 127 -8.79 -1.59 -24.78
N LEU B 128 -7.81 -1.81 -23.89
CA LEU B 128 -7.60 -0.90 -22.77
C LEU B 128 -7.24 0.52 -23.20
N TRP B 129 -6.34 0.61 -24.15
CA TRP B 129 -6.01 1.92 -24.73
C TRP B 129 -7.22 2.60 -25.32
N PHE B 130 -8.04 1.87 -26.09
CA PHE B 130 -9.26 2.47 -26.70
C PHE B 130 -10.29 2.99 -25.68
N GLY B 131 -10.25 2.47 -24.46
CA GLY B 131 -11.19 2.89 -23.46
C GLY B 131 -10.84 4.21 -22.82
N ARG B 132 -9.66 4.75 -23.15
CA ARG B 132 -9.22 6.01 -22.53
C ARG B 132 -9.49 7.23 -23.43
N SER B 133 -9.39 8.43 -22.87
CA SER B 133 -9.66 9.67 -23.60
C SER B 133 -8.46 10.12 -24.43
N VAL B 134 -8.67 11.08 -25.34
CA VAL B 134 -7.58 11.57 -26.19
C VAL B 134 -6.59 12.36 -25.32
N PRO B 135 -7.07 13.12 -24.33
CA PRO B 135 -6.06 13.77 -23.45
C PRO B 135 -5.21 12.78 -22.67
N MET B 136 -5.81 11.69 -22.19
CA MET B 136 -5.03 10.65 -21.54
C MET B 136 -4.04 10.05 -22.55
N HIS B 137 -4.48 9.82 -23.77
CA HIS B 137 -3.57 9.28 -24.81
C HIS B 137 -2.38 10.20 -25.05
N ALA B 138 -2.66 11.48 -25.09
CA ALA B 138 -1.65 12.45 -25.42
C ALA B 138 -0.59 12.52 -24.30
N MET B 139 -1.00 12.57 -23.04
CA MET B 139 0.01 12.62 -21.99
C MET B 139 0.74 11.29 -21.83
N SER B 140 0.00 10.20 -21.98
CA SER B 140 0.61 8.88 -21.92
CA SER B 140 0.61 8.88 -21.91
C SER B 140 1.64 8.67 -23.04
N SER B 141 1.35 9.24 -24.20
CA SER B 141 2.28 9.08 -25.34
C SER B 141 3.49 9.99 -25.16
N ALA B 142 3.27 11.18 -24.61
CA ALA B 142 4.35 12.17 -24.39
C ALA B 142 5.31 11.80 -23.26
N SER B 143 4.82 11.10 -22.27
CA SER B 143 5.58 10.79 -21.08
C SER B 143 6.15 9.39 -21.09
N HIS B 144 7.44 9.25 -20.77
CA HIS B 144 7.99 7.93 -20.47
C HIS B 144 7.98 7.81 -18.96
N GLN B 145 6.91 7.18 -18.47
CA GLN B 145 6.63 7.17 -17.04
C GLN B 145 7.86 6.72 -16.24
N SER B 146 8.22 7.55 -15.24
CA SER B 146 9.27 7.28 -14.25
C SER B 146 10.70 7.56 -14.74
N ASP B 147 10.85 7.86 -16.02
CA ASP B 147 12.15 8.35 -16.50
C ASP B 147 12.33 9.78 -15.97
N GLU B 148 13.58 10.22 -15.87
CA GLU B 148 13.87 11.59 -15.44
C GLU B 148 13.17 12.58 -16.37
N LEU B 149 12.49 13.55 -15.76
CA LEU B 149 11.87 14.66 -16.47
C LEU B 149 12.95 15.74 -16.64
N VAL B 150 13.32 16.02 -17.88
CA VAL B 150 14.32 17.02 -18.15
C VAL B 150 13.74 18.39 -18.41
N ASP B 151 12.63 18.42 -19.10
CA ASP B 151 12.03 19.66 -19.53
C ASP B 151 10.51 19.55 -19.46
N ARG B 152 9.95 20.05 -18.36
CA ARG B 152 8.52 19.96 -18.10
C ARG B 152 7.69 20.70 -19.15
N GLU B 153 8.12 21.90 -19.50
CA GLU B 153 7.33 22.64 -20.47
C GLU B 153 7.35 21.97 -21.85
N ALA B 154 8.47 21.36 -22.23
CA ALA B 154 8.53 20.66 -23.53
C ALA B 154 7.58 19.47 -23.53
N LEU B 155 7.56 18.73 -22.41
CA LEU B 155 6.64 17.62 -22.30
C LEU B 155 5.18 18.10 -22.43
N ARG B 156 4.82 19.12 -21.68
CA ARG B 156 3.48 19.65 -21.76
C ARG B 156 3.12 20.07 -23.19
N ALA B 157 4.06 20.75 -23.86
CA ALA B 157 3.87 21.23 -25.25
C ALA B 157 3.69 20.07 -26.23
N HIS B 158 4.45 18.99 -26.04
CA HIS B 158 4.26 17.83 -26.94
C HIS B 158 2.89 17.19 -26.72
N ALA B 159 2.46 17.02 -25.45
CA ALA B 159 1.14 16.44 -25.24
C ALA B 159 0.07 17.31 -25.90
N ALA B 160 0.21 18.64 -25.83
CA ALA B 160 -0.72 19.51 -26.53
C ALA B 160 -0.69 19.35 -28.07
N GLU B 161 0.50 19.24 -28.63
CA GLU B 161 0.65 18.98 -30.07
C GLU B 161 -0.13 17.73 -30.50
N LEU B 162 0.05 16.62 -29.75
CA LEU B 162 -0.63 15.35 -30.09
C LEU B 162 -2.17 15.50 -30.07
N LEU B 163 -2.68 16.14 -29.04
CA LEU B 163 -4.09 16.39 -28.97
C LEU B 163 -4.61 17.25 -30.17
N ALA B 164 -3.88 18.26 -30.57
CA ALA B 164 -4.32 19.17 -31.61
C ALA B 164 -4.36 18.50 -33.01
N LEU B 165 -3.60 17.44 -33.21
CA LEU B 165 -3.55 16.82 -34.53
C LEU B 165 -4.95 16.33 -34.90
N GLY B 166 -5.63 15.73 -33.94
CA GLY B 166 -6.94 15.15 -34.18
C GLY B 166 -6.87 13.83 -34.91
N VAL B 167 -5.69 13.24 -34.98
CA VAL B 167 -5.54 11.87 -35.49
C VAL B 167 -5.63 10.85 -34.36
N ALA B 168 -6.13 9.64 -34.62
CA ALA B 168 -6.01 8.55 -33.64
C ALA B 168 -4.59 8.26 -33.28
N LEU B 169 -4.29 8.29 -31.98
CA LEU B 169 -2.88 8.11 -31.50
C LEU B 169 -2.66 6.66 -31.28
N PRO B 170 -1.55 6.13 -31.78
CA PRO B 170 -1.34 4.70 -31.65
C PRO B 170 -0.96 4.37 -30.24
N ARG B 171 -1.20 3.13 -29.88
CA ARG B 171 -0.84 2.72 -28.54
C ARG B 171 0.66 2.55 -28.48
N PRO B 172 1.35 3.30 -27.57
CA PRO B 172 2.81 3.10 -27.49
C PRO B 172 3.05 1.72 -26.96
N PRO B 173 4.07 1.02 -27.44
CA PRO B 173 4.25 -0.37 -26.98
C PRO B 173 4.44 -0.50 -25.49
N ARG B 174 4.95 0.53 -24.83
CA ARG B 174 5.09 0.47 -23.38
C ARG B 174 3.77 0.54 -22.66
N PHE B 175 2.67 0.97 -23.32
CA PHE B 175 1.41 1.04 -22.58
C PHE B 175 0.80 -0.33 -22.59
N VAL B 176 0.67 -0.95 -21.42
CA VAL B 176 0.31 -2.37 -21.34
C VAL B 176 -0.58 -2.65 -20.12
N GLY B 177 -1.32 -3.74 -20.19
CA GLY B 177 -2.08 -4.20 -19.05
C GLY B 177 -1.43 -5.42 -18.45
N TYR B 178 -1.70 -5.60 -17.17
CA TYR B 178 -1.35 -6.78 -16.40
C TYR B 178 -2.58 -7.27 -15.67
N ARG B 179 -2.59 -8.57 -15.41
CA ARG B 179 -3.57 -9.15 -14.49
C ARG B 179 -2.83 -9.60 -13.24
N LEU B 180 -3.18 -9.04 -12.07
CA LEU B 180 -2.58 -9.50 -10.83
C LEU B 180 -3.38 -10.73 -10.40
N GLU B 181 -2.78 -11.90 -10.55
CA GLU B 181 -3.43 -13.17 -10.25
C GLU B 181 -2.99 -13.61 -8.88
N PRO B 182 -3.94 -13.74 -7.96
CA PRO B 182 -3.48 -13.98 -6.58
C PRO B 182 -3.09 -15.42 -6.31
N HIS B 183 -2.09 -15.61 -5.45
CA HIS B 183 -1.91 -16.90 -4.77
C HIS B 183 -2.26 -16.81 -3.29
N GLU B 184 -2.51 -15.56 -2.79
CA GLU B 184 -2.84 -15.37 -1.39
C GLU B 184 -3.67 -14.10 -1.31
N MET B 185 -4.73 -14.12 -0.52
CA MET B 185 -5.47 -12.90 -0.26
C MET B 185 -5.81 -12.86 1.22
N GLU B 186 -5.93 -11.67 1.78
CA GLU B 186 -6.43 -11.53 3.15
C GLU B 186 -7.51 -10.46 3.13
N PHE B 187 -8.58 -10.73 3.86
CA PHE B 187 -9.69 -9.80 4.06
C PHE B 187 -9.71 -9.47 5.52
N TRP B 188 -9.67 -8.17 5.84
CA TRP B 188 -9.58 -7.70 7.21
C TRP B 188 -10.71 -6.66 7.43
N ALA B 189 -11.44 -6.84 8.52
CA ALA B 189 -12.51 -5.94 8.89
C ALA B 189 -12.44 -5.58 10.33
N ALA B 190 -12.30 -4.28 10.58
CA ALA B 190 -12.16 -3.76 11.95
C ALA B 190 -13.34 -4.14 12.82
N SER B 191 -13.04 -4.37 14.11
CA SER B 191 -14.06 -4.59 15.14
C SER B 191 -13.82 -3.61 16.28
N SER B 192 -14.90 -3.09 16.85
CA SER B 192 -14.74 -2.15 17.93
C SER B 192 -14.12 -2.79 19.18
N ASP B 193 -14.30 -4.09 19.40
CA ASP B 193 -13.67 -4.75 20.58
C ASP B 193 -12.20 -5.14 20.29
N ARG B 194 -11.71 -4.73 19.10
CA ARG B 194 -10.31 -4.94 18.68
C ARG B 194 -9.99 -6.36 18.20
N LEU B 195 -10.96 -7.27 18.24
CA LEU B 195 -10.73 -8.62 17.71
C LEU B 195 -11.14 -8.58 16.25
N HIS B 196 -10.27 -7.96 15.47
CA HIS B 196 -10.59 -7.73 14.08
C HIS B 196 -10.79 -9.03 13.35
N ARG B 197 -11.66 -9.02 12.32
CA ARG B 197 -11.93 -10.21 11.54
C ARG B 197 -10.87 -10.32 10.47
N ARG B 198 -10.15 -11.45 10.45
CA ARG B 198 -9.06 -11.67 9.49
C ARG B 198 -9.26 -13.03 8.86
N LEU B 199 -9.49 -13.01 7.56
CA LEU B 199 -9.69 -14.22 6.77
C LEU B 199 -8.64 -14.31 5.68
N ARG B 200 -7.80 -15.33 5.80
CA ARG B 200 -6.70 -15.57 4.85
C ARG B 200 -7.06 -16.72 3.88
N TYR B 201 -6.88 -16.46 2.60
CA TYR B 201 -6.97 -17.46 1.55
C TYR B 201 -5.56 -17.73 1.03
N GLU B 202 -5.22 -18.97 0.89
CA GLU B 202 -3.94 -19.34 0.25
C GLU B 202 -4.21 -20.43 -0.77
N ARG B 203 -3.56 -20.31 -1.93
CA ARG B 203 -3.73 -21.34 -2.96
C ARG B 203 -3.23 -22.68 -2.46
N ASP B 204 -3.99 -23.72 -2.82
CA ASP B 204 -3.78 -25.10 -2.43
C ASP B 204 -4.00 -25.96 -3.69
N GLY B 205 -3.11 -25.85 -4.67
CA GLY B 205 -3.27 -26.52 -5.94
C GLY B 205 -4.41 -25.90 -6.71
N ASN B 206 -5.42 -26.69 -7.04
CA ASN B 206 -6.54 -26.14 -7.78
C ASN B 206 -7.60 -25.57 -6.88
N ASP B 207 -7.34 -25.62 -5.57
CA ASP B 207 -8.31 -25.14 -4.61
C ASP B 207 -7.65 -24.09 -3.75
N TRP B 208 -8.41 -23.65 -2.77
CA TRP B 208 -7.96 -22.63 -1.85
C TRP B 208 -8.17 -23.13 -0.45
N LYS B 209 -7.27 -22.77 0.45
CA LYS B 209 -7.39 -23.09 1.88
C LYS B 209 -7.61 -21.76 2.64
N THR B 210 -8.54 -21.75 3.59
CA THR B 210 -8.76 -20.56 4.37
C THR B 210 -8.38 -20.76 5.83
N THR B 211 -7.99 -19.66 6.45
CA THR B 211 -7.65 -19.64 7.86
CA THR B 211 -7.71 -19.65 7.88
C THR B 211 -8.16 -18.32 8.46
N GLN B 212 -8.60 -18.35 9.73
CA GLN B 212 -8.84 -17.09 10.46
C GLN B 212 -7.58 -16.79 11.29
N LEU B 213 -7.23 -15.51 11.35
CA LEU B 213 -6.00 -15.08 11.99
C LEU B 213 -6.24 -14.21 13.22
N GLN B 214 -5.30 -14.27 14.18
CA GLN B 214 -5.36 -13.38 15.32
C GLN B 214 -4.93 -11.98 14.93
N PRO B 215 -5.57 -10.96 15.52
CA PRO B 215 -5.37 -9.57 15.11
C PRO B 215 -4.07 -8.96 15.58
#